data_3RO3
#
_entry.id   3RO3
#
_cell.length_a   88.196
_cell.length_b   75.606
_cell.length_c   35.346
_cell.angle_alpha   90.00
_cell.angle_beta   105.99
_cell.angle_gamma   90.00
#
_symmetry.space_group_name_H-M   'C 1 2 1'
#
loop_
_entity.id
_entity.type
_entity.pdbx_description
1 polymer 'G-protein-signaling modulator 2'
2 polymer 'peptide of Protein inscuteable homolog'
3 non-polymer GLYCEROL
4 non-polymer ETHANOL
5 non-polymer 'CHLORIDE ION'
6 water water
#
loop_
_entity_poly.entity_id
_entity_poly.type
_entity_poly.pdbx_seq_one_letter_code
_entity_poly.pdbx_strand_id
1 'polypeptide(L)'
;GPGSRAAQGRAFGNLGNTHYLLGNFRDAVIAHEQRLLIAKEFGDKAAERIAYSNLGNAYIFLGEFETASEYYKKTLLLAR
QLKDRAVEAQSCYSLGNTYTLLQDYEKAIDYHLKHLAIAQELKDRIGEGRACWSLGNAYTALGNHDQAMHFAEKHLEISR
EVGD
;
A
2 'polypeptide(L)' RLHFMQVDSVQRWMEDLKLMTE B
#
# COMPACT_ATOMS: atom_id res chain seq x y z
N SER A 4 -28.67 13.85 -8.48
CA SER A 4 -27.52 13.96 -9.36
C SER A 4 -26.58 12.77 -9.04
N ARG A 5 -26.32 12.06 -10.13
CA ARG A 5 -25.42 10.91 -10.03
C ARG A 5 -24.02 11.26 -9.64
N ALA A 6 -23.47 12.38 -10.15
CA ALA A 6 -22.16 12.90 -9.69
C ALA A 6 -22.08 13.24 -8.22
N ALA A 7 -23.13 13.86 -7.66
CA ALA A 7 -23.23 14.16 -6.22
C ALA A 7 -23.31 12.88 -5.40
N GLN A 8 -24.06 11.88 -5.91
CA GLN A 8 -24.09 10.61 -5.23
C GLN A 8 -22.69 10.04 -5.23
N GLY A 9 -21.92 10.11 -6.31
CA GLY A 9 -20.55 9.58 -6.30
C GLY A 9 -19.75 10.24 -5.22
N ARG A 10 -19.80 11.57 -5.06
CA ARG A 10 -19.08 12.29 -4.00
C ARG A 10 -19.54 11.80 -2.66
N ALA A 11 -20.85 11.68 -2.49
CA ALA A 11 -21.38 11.25 -1.21
C ALA A 11 -20.91 9.86 -0.87
N PHE A 12 -20.91 8.91 -1.82
CA PHE A 12 -20.40 7.59 -1.53
C PHE A 12 -18.95 7.58 -1.16
N GLY A 13 -18.12 8.38 -1.82
CA GLY A 13 -16.70 8.41 -1.49
C GLY A 13 -16.51 8.92 -0.07
N ASN A 14 -17.28 9.95 0.34
CA ASN A 14 -17.21 10.45 1.69
C ASN A 14 -17.70 9.43 2.74
N LEU A 15 -18.83 8.78 2.46
CA LEU A 15 -19.34 7.79 3.40
CA LEU A 15 -19.32 7.76 3.37
C LEU A 15 -18.36 6.63 3.53
N GLY A 16 -17.75 6.18 2.44
CA GLY A 16 -16.81 5.07 2.50
C GLY A 16 -15.65 5.37 3.40
N ASN A 17 -15.09 6.59 3.26
CA ASN A 17 -13.97 6.98 4.11
C ASN A 17 -14.36 7.08 5.58
N THR A 18 -15.56 7.61 5.88
CA THR A 18 -15.94 7.75 7.26
CA THR A 18 -15.94 7.76 7.26
C THR A 18 -16.18 6.39 7.86
N HIS A 19 -16.87 5.49 7.13
CA HIS A 19 -17.01 4.12 7.67
C HIS A 19 -15.65 3.51 7.93
N TYR A 20 -14.72 3.66 6.98
CA TYR A 20 -13.41 3.07 7.16
C TYR A 20 -12.75 3.56 8.42
N LEU A 21 -12.75 4.87 8.63
CA LEU A 21 -12.06 5.40 9.80
C LEU A 21 -12.74 5.05 11.08
N LEU A 22 -14.02 4.72 11.05
CA LEU A 22 -14.78 4.25 12.20
C LEU A 22 -14.60 2.76 12.41
N GLY A 23 -13.92 2.04 11.52
CA GLY A 23 -13.75 0.59 11.65
C GLY A 23 -14.86 -0.22 11.06
N ASN A 24 -15.76 0.37 10.30
CA ASN A 24 -16.90 -0.25 9.64
CA ASN A 24 -16.84 -0.41 9.69
C ASN A 24 -16.42 -0.72 8.26
N PHE A 25 -15.55 -1.73 8.17
CA PHE A 25 -14.88 -2.05 6.90
C PHE A 25 -15.86 -2.62 5.88
N ARG A 26 -16.82 -3.43 6.30
CA ARG A 26 -17.80 -3.93 5.36
C ARG A 26 -18.55 -2.77 4.70
N ASP A 27 -19.04 -1.84 5.50
CA ASP A 27 -19.84 -0.73 4.97
C ASP A 27 -18.98 0.24 4.15
N ALA A 28 -17.69 0.34 4.49
CA ALA A 28 -16.73 1.08 3.66
C ALA A 28 -16.68 0.46 2.25
N VAL A 29 -16.56 -0.86 2.16
CA VAL A 29 -16.53 -1.53 0.85
C VAL A 29 -17.82 -1.22 0.08
N ILE A 30 -19.00 -1.36 0.71
CA ILE A 30 -20.24 -1.16 0.00
C ILE A 30 -20.29 0.24 -0.60
N ALA A 31 -19.89 1.25 0.17
CA ALA A 31 -19.89 2.64 -0.29
C ALA A 31 -18.83 2.88 -1.38
N HIS A 32 -17.62 2.39 -1.15
CA HIS A 32 -16.57 2.62 -2.15
C HIS A 32 -16.85 1.91 -3.44
N GLU A 33 -17.54 0.77 -3.44
CA GLU A 33 -17.91 0.15 -4.70
C GLU A 33 -18.82 1.06 -5.53
N GLN A 34 -19.73 1.77 -4.87
CA GLN A 34 -20.63 2.66 -5.61
C GLN A 34 -19.89 3.89 -6.11
N ARG A 35 -18.97 4.43 -5.27
CA ARG A 35 -18.05 5.45 -5.75
C ARG A 35 -17.31 4.99 -6.98
N LEU A 36 -16.80 3.76 -6.96
CA LEU A 36 -16.04 3.22 -8.06
C LEU A 36 -16.87 3.16 -9.33
N LEU A 37 -18.09 2.60 -9.23
CA LEU A 37 -18.96 2.48 -10.39
C LEU A 37 -19.26 3.84 -11.00
N ILE A 38 -19.59 4.79 -10.15
CA ILE A 38 -19.93 6.15 -10.65
C ILE A 38 -18.71 6.79 -11.26
N ALA A 39 -17.53 6.60 -10.69
CA ALA A 39 -16.30 7.10 -11.31
C ALA A 39 -16.11 6.51 -12.70
N LYS A 40 -16.40 5.24 -12.90
CA LYS A 40 -16.29 4.63 -14.24
C LYS A 40 -17.33 5.22 -15.17
N GLU A 41 -18.57 5.43 -14.72
CA GLU A 41 -19.61 6.06 -15.55
C GLU A 41 -19.18 7.42 -16.06
N PHE A 42 -18.51 8.21 -15.24
CA PHE A 42 -18.14 9.55 -15.57
C PHE A 42 -16.72 9.65 -16.15
N GLY A 43 -15.99 8.55 -16.28
CA GLY A 43 -14.64 8.64 -16.76
C GLY A 43 -13.70 9.44 -15.87
N ASP A 44 -13.99 9.42 -14.56
CA ASP A 44 -13.21 10.14 -13.56
C ASP A 44 -12.13 9.22 -13.03
N LYS A 45 -10.95 9.28 -13.66
CA LYS A 45 -9.86 8.35 -13.32
C LYS A 45 -9.29 8.60 -11.97
N ALA A 46 -9.27 9.85 -11.51
CA ALA A 46 -8.79 10.18 -10.18
C ALA A 46 -9.63 9.46 -9.15
N ALA A 47 -10.93 9.58 -9.27
CA ALA A 47 -11.83 8.95 -8.29
C ALA A 47 -11.75 7.46 -8.42
N GLU A 48 -11.59 6.91 -9.62
CA GLU A 48 -11.50 5.46 -9.81
C GLU A 48 -10.27 4.92 -9.09
N ARG A 49 -9.14 5.59 -9.26
CA ARG A 49 -7.91 5.17 -8.63
C ARG A 49 -8.07 5.19 -7.10
N ILE A 50 -8.57 6.29 -6.59
CA ILE A 50 -8.75 6.44 -5.15
C ILE A 50 -9.65 5.34 -4.62
N ALA A 51 -10.75 5.03 -5.31
CA ALA A 51 -11.63 3.98 -4.86
C ALA A 51 -10.92 2.63 -4.82
N TYR A 52 -10.10 2.29 -5.78
CA TYR A 52 -9.36 1.02 -5.74
C TYR A 52 -8.47 0.97 -4.51
N SER A 53 -7.79 2.08 -4.20
CA SER A 53 -6.88 2.08 -3.05
CA SER A 53 -6.90 2.16 -3.05
C SER A 53 -7.65 1.94 -1.74
N ASN A 54 -8.74 2.65 -1.61
CA ASN A 54 -9.53 2.55 -0.38
C ASN A 54 -10.16 1.18 -0.27
N LEU A 55 -10.59 0.58 -1.36
CA LEU A 55 -11.12 -0.79 -1.33
C LEU A 55 -10.07 -1.76 -0.89
N GLY A 56 -8.86 -1.67 -1.44
CA GLY A 56 -7.79 -2.56 -1.00
C GLY A 56 -7.57 -2.46 0.48
N ASN A 57 -7.49 -1.23 1.00
CA ASN A 57 -7.28 -1.03 2.42
C ASN A 57 -8.37 -1.66 3.25
N ALA A 58 -9.63 -1.48 2.86
CA ALA A 58 -10.72 -2.09 3.61
C ALA A 58 -10.62 -3.60 3.63
N TYR A 59 -10.27 -4.21 2.51
CA TYR A 59 -10.16 -5.66 2.44
C TYR A 59 -9.00 -6.18 3.29
N ILE A 60 -7.90 -5.41 3.46
CA ILE A 60 -6.88 -5.83 4.41
C ILE A 60 -7.48 -6.04 5.81
N PHE A 61 -8.30 -5.07 6.25
CA PHE A 61 -8.86 -5.14 7.60
C PHE A 61 -10.02 -6.11 7.70
N LEU A 62 -10.58 -6.57 6.60
CA LEU A 62 -11.49 -7.69 6.55
C LEU A 62 -10.78 -9.02 6.46
N GLY A 63 -9.45 -9.03 6.37
CA GLY A 63 -8.69 -10.25 6.32
C GLY A 63 -8.71 -10.92 4.98
N GLU A 64 -9.10 -10.23 3.93
CA GLU A 64 -9.24 -10.75 2.58
C GLU A 64 -8.08 -10.29 1.73
N PHE A 65 -6.90 -10.89 1.96
CA PHE A 65 -5.64 -10.37 1.44
C PHE A 65 -5.56 -10.57 -0.07
N GLU A 66 -6.04 -11.70 -0.59
CA GLU A 66 -6.03 -11.90 -2.03
CA GLU A 66 -6.04 -11.89 -2.02
C GLU A 66 -6.88 -10.82 -2.70
N THR A 67 -8.11 -10.58 -2.18
CA THR A 67 -8.94 -9.51 -2.77
C THR A 67 -8.26 -8.16 -2.69
N ALA A 68 -7.63 -7.86 -1.53
CA ALA A 68 -6.89 -6.61 -1.41
C ALA A 68 -5.84 -6.48 -2.51
N SER A 69 -5.08 -7.57 -2.76
CA SER A 69 -4.04 -7.53 -3.78
C SER A 69 -4.63 -7.21 -5.15
N GLU A 70 -5.81 -7.72 -5.45
CA GLU A 70 -6.44 -7.44 -6.75
C GLU A 70 -6.75 -5.97 -6.89
N TYR A 71 -7.27 -5.35 -5.82
CA TYR A 71 -7.56 -3.91 -5.88
C TYR A 71 -6.26 -3.09 -5.92
N TYR A 72 -5.22 -3.45 -5.18
CA TYR A 72 -3.96 -2.69 -5.25
C TYR A 72 -3.33 -2.83 -6.64
N LYS A 73 -3.45 -3.99 -7.29
CA LYS A 73 -2.91 -4.07 -8.67
C LYS A 73 -3.64 -3.15 -9.60
N LYS A 74 -4.97 -2.99 -9.43
CA LYS A 74 -5.74 -2.03 -10.22
C LYS A 74 -5.31 -0.61 -9.96
N THR A 75 -5.08 -0.29 -8.70
CA THR A 75 -4.54 1.00 -8.26
CA THR A 75 -4.60 1.08 -8.38
C THR A 75 -3.26 1.32 -9.01
N LEU A 76 -2.37 0.30 -8.99
CA LEU A 76 -1.04 0.44 -9.54
C LEU A 76 -1.07 0.71 -11.03
N LEU A 77 -1.91 -0.04 -11.76
CA LEU A 77 -2.08 0.22 -13.15
C LEU A 77 -2.52 1.63 -13.46
N LEU A 78 -3.53 2.09 -12.74
CA LEU A 78 -4.05 3.44 -12.97
CA LEU A 78 -3.99 3.41 -12.99
C LEU A 78 -3.02 4.48 -12.56
N ALA A 79 -2.30 4.30 -11.45
CA ALA A 79 -1.27 5.25 -11.04
C ALA A 79 -0.19 5.42 -12.10
N ARG A 80 0.14 4.30 -12.75
CA ARG A 80 1.12 4.37 -13.87
C ARG A 80 0.52 5.12 -15.05
N GLN A 81 -0.74 4.82 -15.42
CA GLN A 81 -1.40 5.54 -16.53
C GLN A 81 -1.46 7.04 -16.25
N LEU A 82 -1.74 7.42 -15.00
CA LEU A 82 -1.84 8.81 -14.57
C LEU A 82 -0.48 9.47 -14.33
N LYS A 83 0.59 8.70 -14.40
CA LYS A 83 1.96 9.16 -14.19
C LYS A 83 2.17 9.73 -12.80
N ASP A 84 1.47 9.14 -11.84
CA ASP A 84 1.52 9.54 -10.43
C ASP A 84 2.55 8.68 -9.70
N ARG A 85 3.79 9.15 -9.61
CA ARG A 85 4.84 8.30 -9.07
C ARG A 85 4.69 8.03 -7.58
N ALA A 86 4.27 9.02 -6.81
CA ALA A 86 4.13 8.79 -5.36
C ALA A 86 3.05 7.75 -5.12
N VAL A 87 1.94 7.80 -5.86
CA VAL A 87 0.88 6.83 -5.67
C VAL A 87 1.31 5.47 -6.18
N GLU A 88 2.06 5.41 -7.30
CA GLU A 88 2.64 4.15 -7.76
C GLU A 88 3.46 3.52 -6.63
N ALA A 89 4.30 4.33 -5.98
CA ALA A 89 5.13 3.85 -4.89
C ALA A 89 4.27 3.29 -3.74
N GLN A 90 3.26 4.07 -3.34
CA GLN A 90 2.39 3.66 -2.23
C GLN A 90 1.73 2.32 -2.53
N SER A 91 1.23 2.15 -3.74
CA SER A 91 0.54 0.90 -4.10
CA SER A 91 0.58 0.93 -4.20
C SER A 91 1.55 -0.26 -4.15
N CYS A 92 2.77 -0.05 -4.61
CA CYS A 92 3.79 -1.07 -4.53
C CYS A 92 4.11 -1.46 -3.10
N TYR A 93 4.21 -0.50 -2.21
CA TYR A 93 4.47 -0.83 -0.79
C TYR A 93 3.31 -1.62 -0.22
N SER A 94 2.08 -1.23 -0.52
CA SER A 94 0.91 -1.98 -0.02
C SER A 94 0.91 -3.40 -0.60
N LEU A 95 1.25 -3.55 -1.87
CA LEU A 95 1.35 -4.90 -2.45
C LEU A 95 2.44 -5.73 -1.77
N GLY A 96 3.60 -5.13 -1.49
CA GLY A 96 4.63 -5.89 -0.82
C GLY A 96 4.20 -6.44 0.52
N ASN A 97 3.52 -5.58 1.29
CA ASN A 97 2.98 -6.00 2.57
C ASN A 97 1.88 -7.04 2.41
N THR A 98 1.00 -6.85 1.45
CA THR A 98 -0.10 -7.77 1.23
C THR A 98 0.43 -9.16 0.89
N TYR A 99 1.45 -9.22 0.02
CA TYR A 99 2.05 -10.52 -0.34
CA TYR A 99 2.01 -10.55 -0.32
C TYR A 99 2.77 -11.14 0.85
N THR A 100 3.33 -10.34 1.76
CA THR A 100 3.88 -10.91 2.99
C THR A 100 2.78 -11.55 3.82
N LEU A 101 1.62 -10.89 3.94
CA LEU A 101 0.48 -11.47 4.65
C LEU A 101 0.02 -12.75 4.02
N LEU A 102 0.16 -12.93 2.73
CA LEU A 102 -0.15 -14.13 1.97
C LEU A 102 1.00 -15.16 1.93
N GLN A 103 2.13 -14.83 2.53
CA GLN A 103 3.33 -15.63 2.65
C GLN A 103 3.84 -15.93 1.25
N ASP A 104 3.71 -14.98 0.34
CA ASP A 104 4.28 -15.09 -1.00
C ASP A 104 5.46 -14.15 -1.10
N TYR A 105 6.65 -14.60 -0.60
CA TYR A 105 7.78 -13.70 -0.43
C TYR A 105 8.36 -13.31 -1.75
N GLU A 106 8.26 -14.14 -2.77
CA GLU A 106 8.79 -13.72 -4.07
C GLU A 106 8.01 -12.53 -4.59
N LYS A 107 6.68 -12.56 -4.57
CA LYS A 107 5.92 -11.38 -5.01
C LYS A 107 6.14 -10.21 -4.06
N ALA A 108 6.28 -10.45 -2.78
CA ALA A 108 6.53 -9.36 -1.84
C ALA A 108 7.81 -8.63 -2.21
N ILE A 109 8.88 -9.38 -2.49
CA ILE A 109 10.16 -8.79 -2.83
C ILE A 109 10.05 -7.98 -4.13
N ASP A 110 9.35 -8.51 -5.11
CA ASP A 110 9.17 -7.81 -6.37
C ASP A 110 8.62 -6.39 -6.16
N TYR A 111 7.48 -6.33 -5.44
CA TYR A 111 6.84 -5.05 -5.23
C TYR A 111 7.62 -4.19 -4.24
N HIS A 112 8.27 -4.80 -3.24
CA HIS A 112 9.10 -3.94 -2.38
C HIS A 112 10.28 -3.33 -3.12
N LEU A 113 10.88 -4.03 -4.07
CA LEU A 113 11.96 -3.46 -4.85
C LEU A 113 11.46 -2.32 -5.72
N LYS A 114 10.23 -2.45 -6.25
CA LYS A 114 9.61 -1.40 -7.05
CA LYS A 114 9.67 -1.38 -7.08
C LYS A 114 9.39 -0.17 -6.22
N HIS A 115 8.85 -0.33 -5.01
CA HIS A 115 8.66 0.82 -4.11
C HIS A 115 9.98 1.49 -3.77
N LEU A 116 11.00 0.68 -3.45
CA LEU A 116 12.29 1.20 -3.10
C LEU A 116 12.81 2.16 -4.16
N ALA A 117 12.75 1.70 -5.42
CA ALA A 117 13.29 2.49 -6.52
C ALA A 117 12.59 3.84 -6.64
N ILE A 118 11.28 3.84 -6.46
CA ILE A 118 10.52 5.10 -6.59
C ILE A 118 10.80 5.98 -5.39
N ALA A 119 10.83 5.42 -4.18
CA ALA A 119 11.17 6.22 -3.00
C ALA A 119 12.52 6.87 -3.15
N GLN A 120 13.50 6.18 -3.71
CA GLN A 120 14.82 6.79 -3.94
C GLN A 120 14.68 7.92 -4.95
N GLU A 121 13.97 7.72 -6.05
CA GLU A 121 13.82 8.78 -7.06
C GLU A 121 13.15 10.01 -6.49
N LEU A 122 12.15 9.82 -5.64
CA LEU A 122 11.39 10.90 -5.05
C LEU A 122 12.07 11.51 -3.82
N LYS A 123 13.25 11.01 -3.44
CA LYS A 123 13.99 11.49 -2.26
C LYS A 123 13.11 11.37 -1.01
N ASP A 124 12.28 10.31 -0.97
CA ASP A 124 11.45 9.98 0.17
C ASP A 124 12.30 9.10 1.09
N ARG A 125 13.09 9.71 1.96
CA ARG A 125 14.06 8.98 2.76
C ARG A 125 13.37 8.10 3.82
N ILE A 126 12.32 8.59 4.46
CA ILE A 126 11.53 7.79 5.37
C ILE A 126 10.99 6.56 4.65
N GLY A 127 10.43 6.74 3.45
CA GLY A 127 9.96 5.61 2.67
C GLY A 127 11.05 4.64 2.31
N GLU A 128 12.21 5.16 1.98
CA GLU A 128 13.36 4.29 1.73
C GLU A 128 13.68 3.45 2.95
N GLY A 129 13.63 4.03 4.13
CA GLY A 129 13.88 3.28 5.33
C GLY A 129 12.87 2.16 5.54
N ARG A 130 11.57 2.46 5.31
N ARG A 130 11.58 2.46 5.30
CA ARG A 130 10.56 1.42 5.38
CA ARG A 130 10.58 1.42 5.42
C ARG A 130 10.84 0.28 4.40
C ARG A 130 10.77 0.31 4.37
N ALA A 131 11.20 0.67 3.18
CA ALA A 131 11.53 -0.33 2.16
C ALA A 131 12.68 -1.21 2.62
N CYS A 132 13.72 -0.62 3.22
CA CYS A 132 14.87 -1.43 3.65
C CYS A 132 14.50 -2.35 4.81
N TRP A 133 13.66 -1.89 5.70
CA TRP A 133 13.12 -2.71 6.79
C TRP A 133 12.40 -3.92 6.25
N SER A 134 11.43 -3.63 5.36
CA SER A 134 10.62 -4.66 4.77
C SER A 134 11.47 -5.64 3.93
N LEU A 135 12.36 -5.11 3.12
CA LEU A 135 13.20 -6.00 2.27
C LEU A 135 14.12 -6.87 3.11
N GLY A 136 14.76 -6.27 4.10
CA GLY A 136 15.59 -7.09 5.00
C GLY A 136 14.81 -8.22 5.64
N ASN A 137 13.60 -7.90 6.09
CA ASN A 137 12.78 -8.94 6.70
C ASN A 137 12.47 -10.06 5.70
N ALA A 138 12.14 -9.70 4.50
CA ALA A 138 11.73 -10.70 3.50
C ALA A 138 12.90 -11.56 3.11
N TYR A 139 14.05 -10.94 2.85
CA TYR A 139 15.23 -11.72 2.52
C TYR A 139 15.60 -12.64 3.64
N THR A 140 15.53 -12.22 4.89
CA THR A 140 15.81 -13.11 6.01
C THR A 140 14.83 -14.29 6.06
N ALA A 141 13.55 -14.05 5.83
CA ALA A 141 12.55 -15.12 5.81
C ALA A 141 12.93 -16.19 4.78
N LEU A 142 13.56 -15.75 3.73
CA LEU A 142 13.99 -16.70 2.69
C LEU A 142 15.40 -17.25 2.87
N GLY A 143 16.14 -16.82 3.86
CA GLY A 143 17.48 -17.31 4.05
C GLY A 143 18.49 -16.61 3.17
N ASN A 144 18.17 -15.48 2.54
CA ASN A 144 19.04 -14.83 1.55
C ASN A 144 19.87 -13.79 2.27
N HIS A 145 20.86 -14.25 3.03
CA HIS A 145 21.46 -13.36 4.04
CA HIS A 145 21.61 -13.49 4.00
C HIS A 145 22.39 -12.34 3.41
N ASP A 146 22.93 -12.53 2.23
CA ASP A 146 23.73 -11.45 1.65
C ASP A 146 22.84 -10.26 1.23
N GLN A 147 21.67 -10.54 0.69
CA GLN A 147 20.74 -9.46 0.36
CA GLN A 147 20.72 -9.46 0.37
C GLN A 147 20.21 -8.83 1.64
N ALA A 148 19.91 -9.67 2.62
CA ALA A 148 19.43 -9.14 3.89
C ALA A 148 20.41 -8.20 4.52
N MET A 149 21.72 -8.48 4.42
CA MET A 149 22.78 -7.65 4.99
CA MET A 149 22.72 -7.63 5.03
C MET A 149 22.77 -6.27 4.37
N HIS A 150 22.67 -6.24 3.02
CA HIS A 150 22.65 -4.93 2.36
C HIS A 150 21.55 -4.05 2.90
N PHE A 151 20.34 -4.61 2.96
CA PHE A 151 19.19 -3.81 3.39
C PHE A 151 19.17 -3.54 4.87
N ALA A 152 19.68 -4.43 5.72
CA ALA A 152 19.79 -4.16 7.15
C ALA A 152 20.77 -3.02 7.44
N GLU A 153 21.87 -2.96 6.68
CA GLU A 153 22.83 -1.85 6.83
CA GLU A 153 22.83 -1.85 6.87
C GLU A 153 22.15 -0.55 6.42
N LYS A 154 21.41 -0.56 5.34
CA LYS A 154 20.78 0.64 4.86
C LYS A 154 19.66 1.08 5.82
N HIS A 155 18.91 0.12 6.38
CA HIS A 155 17.90 0.49 7.36
C HIS A 155 18.55 1.17 8.56
N LEU A 156 19.63 0.62 9.06
CA LEU A 156 20.35 1.27 10.19
C LEU A 156 20.78 2.68 9.83
N GLU A 157 21.35 2.86 8.67
CA GLU A 157 21.84 4.18 8.26
CA GLU A 157 21.82 4.15 8.18
C GLU A 157 20.69 5.17 8.21
N ILE A 158 19.57 4.80 7.64
CA ILE A 158 18.44 5.69 7.49
C ILE A 158 17.80 5.97 8.86
N SER A 159 17.72 4.94 9.70
N SER A 159 17.79 4.98 9.76
CA SER A 159 17.09 5.01 11.02
CA SER A 159 17.30 5.20 11.11
C SER A 159 17.69 6.13 11.86
C SER A 159 18.26 6.02 11.98
N ARG A 160 18.91 6.50 11.58
N ARG A 160 19.54 6.05 11.67
CA ARG A 160 19.61 7.56 12.25
CA ARG A 160 20.46 6.96 12.34
C ARG A 160 19.25 8.91 11.68
C ARG A 160 20.41 8.37 11.75
N GLU A 161 18.77 8.97 10.47
N GLU A 161 19.87 8.51 10.54
CA GLU A 161 18.52 10.26 9.85
CA GLU A 161 19.80 9.73 9.79
C GLU A 161 17.08 10.75 10.01
C GLU A 161 18.58 10.56 10.15
N VAL A 162 16.09 9.88 9.89
CA VAL A 162 14.69 10.25 9.83
C VAL A 162 13.82 9.24 10.62
N GLN B 6 3.43 -12.15 14.03
CA GLN B 6 3.26 -11.04 13.08
C GLN B 6 4.61 -10.50 12.61
N VAL B 7 4.76 -9.92 11.42
CA VAL B 7 6.00 -9.32 10.98
C VAL B 7 5.92 -7.84 11.38
N ASP B 8 6.95 -7.40 12.09
CA ASP B 8 6.86 -6.06 12.67
C ASP B 8 6.66 -4.97 11.64
N SER B 9 7.34 -5.04 10.47
CA SER B 9 7.15 -4.02 9.44
C SER B 9 5.74 -4.01 8.87
N VAL B 10 5.13 -5.18 8.76
CA VAL B 10 3.75 -5.30 8.31
C VAL B 10 2.81 -4.75 9.37
N GLN B 11 3.06 -5.04 10.64
CA GLN B 11 2.21 -4.46 11.66
CA GLN B 11 2.28 -4.46 11.70
C GLN B 11 2.28 -2.94 11.68
N ARG B 12 3.48 -2.38 11.48
CA ARG B 12 3.56 -0.92 11.41
C ARG B 12 2.78 -0.36 10.24
N TRP B 13 2.96 -0.96 9.07
CA TRP B 13 2.20 -0.57 7.88
C TRP B 13 0.70 -0.61 8.16
N MET B 14 0.22 -1.65 8.81
CA MET B 14 -1.20 -1.77 9.12
C MET B 14 -1.65 -0.70 10.12
N GLU B 15 -0.83 -0.37 11.10
CA GLU B 15 -1.18 0.67 12.03
C GLU B 15 -1.36 1.99 11.31
N ASP B 16 -0.45 2.31 10.38
CA ASP B 16 -0.59 3.52 9.59
C ASP B 16 -1.83 3.44 8.68
N LEU B 17 -2.04 2.26 8.10
CA LEU B 17 -3.09 2.08 7.14
C LEU B 17 -4.45 2.35 7.74
N LYS B 18 -4.66 2.06 8.98
CA LYS B 18 -5.94 2.23 9.66
C LYS B 18 -6.38 3.68 9.66
N LEU B 19 -5.44 4.62 9.51
CA LEU B 19 -5.71 6.03 9.52
C LEU B 19 -5.73 6.63 8.13
N MET B 20 -5.44 5.83 7.10
N MET B 20 -5.49 5.84 7.10
CA MET B 20 -5.25 6.29 5.74
CA MET B 20 -5.27 6.35 5.76
C MET B 20 -6.55 6.31 4.93
C MET B 20 -6.51 6.29 4.87
N THR B 21 -6.87 7.45 4.35
CA THR B 21 -7.95 7.59 3.37
C THR B 21 -7.49 8.55 2.30
N GLU B 22 -8.12 8.43 1.14
CA GLU B 22 -8.00 9.39 0.05
C GLU B 22 -9.36 9.69 -0.56
#